data_1QL6
#
_entry.id   1QL6
#
_cell.length_a   47.560
_cell.length_b   68.171
_cell.length_c   112.475
_cell.angle_alpha   90.00
_cell.angle_beta   90.00
_cell.angle_gamma   90.00
#
_symmetry.space_group_name_H-M   'P 21 21 21'
#
loop_
_entity.id
_entity.type
_entity.pdbx_description
1 polymer 'PHOSPHORYLASE KINASE'
2 non-polymer "ADENOSINE-5'-TRIPHOSPHATE"
3 non-polymer 'MANGANESE (II) ION'
4 non-polymer 'SULFATE ION'
5 water water
#
_entity_poly.entity_id   1
_entity_poly.type   'polypeptide(L)'
_entity_poly.pdbx_seq_one_letter_code
;TRDAALPGSHSTHGFYENYEPKEILGRGVSSVVRRCIHKPTCKEYAVKIIDVTGGGSFSAEEVQELREATLKEVDILRKV
SGHPNIIQLKDTYETNTFFFLVFDLMKKGELFDYLTEKVTLSEKETRKIMRALLEVICALHKLNIVHRDLKPENILLDDD
MNIKLTDFGFSCQLDPGEKLRSVCGTPSYLAPEIIECSMNDNHPGYGKEVDMWSTGVIMYTLLAGSPPFWHRKQMLMLRM
IMSGNYQFGSPEWDDYSDTVKDLVSRFLVVQPQKRYTAEEALAHPFFQQYVVEEVRHF
;
_entity_poly.pdbx_strand_id   A
#
loop_
_chem_comp.id
_chem_comp.type
_chem_comp.name
_chem_comp.formula
ATP non-polymer ADENOSINE-5'-TRIPHOSPHATE 'C10 H16 N5 O13 P3'
MN non-polymer 'MANGANESE (II) ION' 'Mn 2'
SO4 non-polymer 'SULFATE ION' 'O4 S -2'
#
# COMPACT_ATOMS: atom_id res chain seq x y z
N SER A 11 -4.09 15.08 25.47
CA SER A 11 -3.86 14.97 24.03
C SER A 11 -5.19 14.98 23.30
N THR A 12 -6.25 14.51 23.96
CA THR A 12 -7.59 14.55 23.32
C THR A 12 -8.03 16.01 23.27
N HIS A 13 -7.90 16.69 24.39
CA HIS A 13 -8.15 18.11 24.49
C HIS A 13 -7.22 18.74 23.45
N GLY A 14 -5.92 18.45 23.57
CA GLY A 14 -5.00 18.91 22.52
C GLY A 14 -5.59 18.69 21.14
N PHE A 15 -6.02 17.48 20.80
CA PHE A 15 -6.56 17.27 19.43
C PHE A 15 -7.83 18.04 19.15
N TYR A 16 -8.87 17.90 19.95
CA TYR A 16 -10.09 18.70 19.75
C TYR A 16 -9.89 20.17 20.07
N GLU A 17 -8.85 20.56 20.82
CA GLU A 17 -8.52 21.94 21.10
C GLU A 17 -7.97 22.51 19.80
N ASN A 18 -7.20 21.72 19.04
CA ASN A 18 -6.65 22.31 17.82
C ASN A 18 -7.40 21.98 16.55
N TYR A 19 -8.30 21.01 16.52
CA TYR A 19 -9.02 20.68 15.28
C TYR A 19 -10.51 20.39 15.46
N GLU A 20 -11.28 20.89 14.51
CA GLU A 20 -12.71 20.61 14.40
C GLU A 20 -12.92 19.41 13.45
N PRO A 21 -13.35 18.30 14.01
CA PRO A 21 -13.56 17.06 13.26
C PRO A 21 -14.70 17.15 12.27
N LYS A 22 -14.56 16.58 11.08
CA LYS A 22 -15.62 16.66 10.10
C LYS A 22 -16.16 15.28 9.70
N GLU A 23 -16.28 15.03 8.38
CA GLU A 23 -16.89 13.75 7.97
C GLU A 23 -15.93 12.56 7.87
N ILE A 24 -16.51 11.37 7.95
CA ILE A 24 -15.73 10.15 7.74
C ILE A 24 -15.32 10.07 6.26
N LEU A 25 -14.06 9.70 6.08
CA LEU A 25 -13.40 9.53 4.81
C LEU A 25 -13.05 8.06 4.58
N GLY A 26 -12.96 7.20 5.56
CA GLY A 26 -12.58 5.83 5.48
C GLY A 26 -12.38 5.30 6.90
N ARG A 27 -12.27 4.00 6.98
CA ARG A 27 -12.17 3.19 8.15
C ARG A 27 -11.27 1.99 7.93
N GLY A 28 -10.83 1.37 9.00
CA GLY A 28 -10.02 0.15 8.94
C GLY A 28 -10.50 -0.64 10.16
N VAL A 29 -9.93 -1.80 10.44
CA VAL A 29 -10.40 -2.60 11.56
C VAL A 29 -10.45 -1.84 12.87
N SER A 30 -9.42 -1.06 13.17
CA SER A 30 -9.40 -0.32 14.43
C SER A 30 -9.21 1.17 14.26
N SER A 31 -9.54 1.69 13.08
CA SER A 31 -9.44 3.11 12.80
C SER A 31 -10.59 3.70 11.98
N VAL A 32 -10.67 5.02 12.08
CA VAL A 32 -11.58 5.91 11.42
C VAL A 32 -10.70 7.07 10.96
N VAL A 33 -10.86 7.50 9.72
CA VAL A 33 -10.11 8.62 9.18
C VAL A 33 -11.13 9.73 8.91
N ARG A 34 -10.89 10.95 9.35
CA ARG A 34 -11.91 11.97 9.16
C ARG A 34 -11.30 13.22 8.52
N ARG A 35 -12.13 14.05 7.91
CA ARG A 35 -11.66 15.33 7.44
C ARG A 35 -11.73 16.15 8.75
N CYS A 36 -10.80 17.07 8.94
CA CYS A 36 -10.83 17.91 10.12
C CYS A 36 -10.24 19.28 9.80
N ILE A 37 -10.67 20.29 10.58
CA ILE A 37 -10.16 21.64 10.32
C ILE A 37 -9.19 22.16 11.37
N HIS A 38 -8.03 22.64 11.01
CA HIS A 38 -7.08 23.17 12.02
C HIS A 38 -7.63 24.51 12.50
N LYS A 39 -8.09 24.60 13.75
CA LYS A 39 -8.67 25.89 14.15
C LYS A 39 -7.87 27.14 13.89
N PRO A 40 -6.59 27.19 14.25
CA PRO A 40 -5.81 28.41 14.04
C PRO A 40 -5.69 28.80 12.57
N THR A 41 -5.38 27.79 11.71
CA THR A 41 -5.22 28.15 10.31
C THR A 41 -6.50 28.06 9.50
N CYS A 42 -7.50 27.31 9.87
CA CYS A 42 -8.65 27.10 9.00
C CYS A 42 -8.33 26.15 7.85
N LYS A 43 -7.14 25.53 7.83
CA LYS A 43 -6.68 24.62 6.79
C LYS A 43 -7.26 23.22 7.04
N GLU A 44 -7.41 22.40 6.01
CA GLU A 44 -8.03 21.09 6.19
C GLU A 44 -7.03 19.95 6.01
N TYR A 45 -7.27 18.95 6.87
CA TYR A 45 -6.38 17.83 7.00
C TYR A 45 -7.22 16.54 7.08
N ALA A 46 -6.46 15.47 7.19
CA ALA A 46 -7.19 14.19 7.38
C ALA A 46 -6.57 13.63 8.65
N VAL A 47 -7.34 13.15 9.57
CA VAL A 47 -6.84 12.59 10.83
C VAL A 47 -7.19 11.11 10.84
N LYS A 48 -6.15 10.30 11.11
CA LYS A 48 -6.48 8.86 11.27
C LYS A 48 -6.50 8.59 12.78
N ILE A 49 -7.69 8.18 13.24
CA ILE A 49 -7.96 7.94 14.64
C ILE A 49 -7.81 6.46 14.94
N ILE A 50 -6.77 6.09 15.71
CA ILE A 50 -6.61 4.69 16.05
C ILE A 50 -6.95 4.39 17.51
N ASP A 51 -7.92 3.48 17.63
CA ASP A 51 -8.35 3.02 18.95
C ASP A 51 -7.47 1.84 19.36
N VAL A 52 -6.53 2.01 20.27
CA VAL A 52 -5.59 1.02 20.73
C VAL A 52 -6.15 -0.04 21.69
N THR A 53 -7.30 0.24 22.23
CA THR A 53 -8.09 -0.60 23.12
C THR A 53 -8.90 -1.45 22.14
N GLY A 54 -9.48 -0.85 21.10
CA GLY A 54 -10.19 -1.67 20.12
C GLY A 54 -11.66 -1.73 20.55
N GLY A 55 -12.10 -0.56 21.00
CA GLY A 55 -13.45 -0.33 21.45
C GLY A 55 -13.87 -1.12 22.67
N GLY A 56 -12.97 -1.44 23.60
CA GLY A 56 -13.31 -2.16 24.82
C GLY A 56 -13.38 -3.67 24.67
N SER A 57 -12.65 -4.21 23.70
CA SER A 57 -12.73 -5.65 23.43
C SER A 57 -11.51 -6.38 22.95
N PHE A 58 -10.25 -5.97 23.18
CA PHE A 58 -9.13 -6.74 22.64
C PHE A 58 -8.42 -7.75 23.51
N SER A 59 -7.89 -7.38 24.65
CA SER A 59 -7.12 -8.15 25.60
C SER A 59 -5.85 -7.33 25.88
N ALA A 60 -5.59 -7.02 27.13
CA ALA A 60 -4.43 -6.21 27.49
C ALA A 60 -3.25 -6.38 26.55
N GLU A 61 -2.68 -7.57 26.42
CA GLU A 61 -1.58 -7.83 25.50
C GLU A 61 -1.74 -7.15 24.16
N GLU A 62 -2.84 -7.39 23.45
CA GLU A 62 -3.11 -6.80 22.14
C GLU A 62 -3.08 -5.26 22.19
N VAL A 63 -3.54 -4.64 23.26
CA VAL A 63 -3.50 -3.19 23.41
C VAL A 63 -2.08 -2.64 23.23
N GLN A 64 -1.10 -3.35 23.78
CA GLN A 64 0.30 -3.01 23.69
C GLN A 64 0.93 -3.45 22.36
N GLU A 65 0.23 -4.35 21.66
CA GLU A 65 0.67 -4.79 20.34
C GLU A 65 0.15 -3.74 19.36
N LEU A 66 -0.99 -3.11 19.72
CA LEU A 66 -1.56 -2.10 18.83
C LEU A 66 -0.88 -0.77 19.12
N ARG A 67 -0.43 -0.49 20.33
CA ARG A 67 0.23 0.77 20.65
C ARG A 67 1.64 0.88 20.09
N GLU A 68 2.32 -0.26 20.02
CA GLU A 68 3.65 -0.42 19.47
C GLU A 68 3.57 -0.58 17.94
N ALA A 69 2.39 -0.87 17.43
CA ALA A 69 2.10 -1.00 16.00
C ALA A 69 2.05 0.37 15.31
N THR A 70 1.29 1.24 15.94
CA THR A 70 1.07 2.65 15.55
C THR A 70 2.33 3.43 15.88
N LEU A 71 3.10 3.08 16.94
CA LEU A 71 4.37 3.78 17.19
C LEU A 71 5.32 3.44 16.04
N LYS A 72 5.29 2.20 15.59
CA LYS A 72 6.12 1.76 14.44
C LYS A 72 5.64 2.55 13.21
N GLU A 73 4.32 2.67 13.00
CA GLU A 73 3.74 3.37 11.87
C GLU A 73 4.16 4.83 11.76
N VAL A 74 4.13 5.56 12.86
CA VAL A 74 4.51 6.97 12.99
C VAL A 74 5.99 7.19 12.68
N ASP A 75 6.78 6.25 13.22
CA ASP A 75 8.25 6.27 12.98
C ASP A 75 8.59 5.99 11.54
N ILE A 76 7.92 5.03 10.89
CA ILE A 76 8.15 4.81 9.45
C ILE A 76 7.77 6.08 8.71
N LEU A 77 6.59 6.65 9.01
CA LEU A 77 6.18 7.92 8.36
C LEU A 77 7.16 9.06 8.55
N ARG A 78 7.76 9.22 9.74
CA ARG A 78 8.76 10.28 9.93
C ARG A 78 9.94 9.91 9.06
N LYS A 79 10.22 8.63 8.86
CA LYS A 79 11.36 8.35 7.99
C LYS A 79 11.17 8.71 6.52
N VAL A 80 9.99 8.51 5.99
CA VAL A 80 9.74 8.76 4.56
C VAL A 80 9.26 10.18 4.32
N SER A 81 9.07 11.01 5.33
CA SER A 81 8.63 12.38 5.09
C SER A 81 9.43 13.08 4.00
N GLY A 82 8.82 14.07 3.38
CA GLY A 82 9.44 14.89 2.37
C GLY A 82 9.25 14.37 0.96
N HIS A 83 9.04 13.09 0.68
CA HIS A 83 8.86 12.64 -0.72
C HIS A 83 7.62 13.24 -1.30
N PRO A 84 7.63 13.71 -2.54
CA PRO A 84 6.48 14.34 -3.15
C PRO A 84 5.29 13.44 -3.35
N ASN A 85 5.51 12.13 -3.58
CA ASN A 85 4.44 11.18 -3.75
C ASN A 85 4.17 10.26 -2.58
N ILE A 86 4.49 10.65 -1.33
CA ILE A 86 4.25 9.85 -0.13
C ILE A 86 3.49 10.72 0.87
N ILE A 87 2.42 10.27 1.49
CA ILE A 87 1.69 11.14 2.41
C ILE A 87 2.61 11.78 3.47
N GLN A 88 2.25 12.96 3.97
CA GLN A 88 3.07 13.67 4.95
C GLN A 88 2.38 13.63 6.30
N LEU A 89 3.05 13.02 7.29
CA LEU A 89 2.43 13.02 8.61
C LEU A 89 2.66 14.44 9.18
N LYS A 90 1.59 15.15 9.57
CA LYS A 90 1.82 16.51 9.99
C LYS A 90 1.76 16.63 11.50
N ASP A 91 0.99 15.78 12.16
CA ASP A 91 0.84 15.91 13.61
C ASP A 91 0.40 14.62 14.27
N THR A 92 0.71 14.47 15.56
CA THR A 92 0.33 13.27 16.29
C THR A 92 0.03 13.67 17.72
N TYR A 93 -0.99 13.06 18.29
CA TYR A 93 -1.52 13.21 19.62
C TYR A 93 -1.74 11.78 20.12
N GLU A 94 -1.50 11.53 21.39
CA GLU A 94 -1.63 10.19 21.95
C GLU A 94 -2.24 10.23 23.33
N THR A 95 -3.33 9.56 23.60
CA THR A 95 -3.99 9.50 24.88
C THR A 95 -3.87 8.02 25.30
N ASN A 96 -4.53 7.58 26.36
CA ASN A 96 -4.42 6.20 26.79
C ASN A 96 -5.06 5.15 25.89
N THR A 97 -6.00 5.54 25.06
CA THR A 97 -6.72 4.61 24.20
C THR A 97 -6.61 4.96 22.70
N PHE A 98 -6.64 6.25 22.41
CA PHE A 98 -6.54 6.76 21.06
C PHE A 98 -5.20 7.37 20.64
N PHE A 99 -4.90 7.15 19.36
CA PHE A 99 -3.85 7.87 18.66
C PHE A 99 -4.53 8.67 17.53
N PHE A 100 -3.92 9.79 17.22
CA PHE A 100 -4.47 10.71 16.21
C PHE A 100 -3.41 11.00 15.17
N LEU A 101 -3.40 10.45 13.94
CA LEU A 101 -2.34 10.91 13.04
C LEU A 101 -2.99 11.89 12.07
N VAL A 102 -2.39 13.10 12.07
CA VAL A 102 -2.90 14.17 11.22
C VAL A 102 -2.15 14.17 9.91
N PHE A 103 -2.88 14.25 8.80
CA PHE A 103 -2.14 14.20 7.52
C PHE A 103 -2.63 15.25 6.55
N ASP A 104 -1.90 15.44 5.45
CA ASP A 104 -2.47 16.29 4.39
C ASP A 104 -3.74 15.55 3.87
N LEU A 105 -4.73 16.35 3.50
CA LEU A 105 -6.04 15.94 3.00
C LEU A 105 -5.92 15.60 1.52
N MET A 106 -6.24 14.34 1.15
CA MET A 106 -6.18 13.97 -0.30
C MET A 106 -7.58 14.12 -0.83
N LYS A 107 -7.85 15.11 -1.69
CA LYS A 107 -9.25 15.36 -2.03
C LYS A 107 -9.90 14.50 -3.10
N LYS A 108 -9.17 13.69 -3.86
CA LYS A 108 -9.75 12.88 -4.90
C LYS A 108 -9.75 11.39 -4.54
N GLY A 109 -9.77 11.09 -3.26
CA GLY A 109 -9.80 9.80 -2.67
C GLY A 109 -8.78 8.77 -3.09
N GLU A 110 -9.22 7.51 -3.12
CA GLU A 110 -8.44 6.38 -3.48
C GLU A 110 -8.32 6.07 -4.98
N LEU A 111 -7.18 5.39 -5.28
CA LEU A 111 -6.98 4.88 -6.63
C LEU A 111 -8.07 3.80 -6.83
N PHE A 112 -8.44 3.12 -5.74
CA PHE A 112 -9.46 2.12 -5.80
C PHE A 112 -10.78 2.72 -6.30
N ASP A 113 -11.22 3.80 -5.65
CA ASP A 113 -12.43 4.49 -6.00
C ASP A 113 -12.36 4.98 -7.46
N TYR A 114 -11.20 5.48 -7.84
CA TYR A 114 -11.02 5.94 -9.21
C TYR A 114 -11.03 4.76 -10.17
N LEU A 115 -10.52 3.59 -9.77
CA LEU A 115 -10.60 2.51 -10.72
C LEU A 115 -12.05 1.99 -10.86
N THR A 116 -12.84 1.92 -9.81
CA THR A 116 -14.21 1.54 -9.75
C THR A 116 -15.10 2.34 -10.73
N GLU A 117 -14.86 3.63 -10.87
CA GLU A 117 -15.60 4.50 -11.74
C GLU A 117 -15.15 4.50 -13.19
N LYS A 118 -13.89 4.18 -13.50
CA LYS A 118 -13.38 4.16 -14.84
C LYS A 118 -13.42 2.76 -15.44
N VAL A 119 -13.56 1.73 -14.62
CA VAL A 119 -13.55 0.31 -14.87
C VAL A 119 -12.12 -0.16 -15.13
N THR A 120 -11.46 0.38 -16.15
CA THR A 120 -10.12 0.04 -16.52
C THR A 120 -9.42 1.40 -16.78
N LEU A 121 -8.09 1.35 -16.79
CA LEU A 121 -7.36 2.57 -17.15
C LEU A 121 -6.56 2.30 -18.44
N SER A 122 -6.34 3.31 -19.24
CA SER A 122 -5.66 3.10 -20.51
C SER A 122 -4.19 2.77 -20.26
N GLU A 123 -3.45 2.38 -21.28
CA GLU A 123 -2.04 2.14 -21.22
C GLU A 123 -1.30 3.43 -20.86
N LYS A 124 -1.60 4.59 -21.48
CA LYS A 124 -0.89 5.81 -21.03
C LYS A 124 -1.17 6.21 -19.58
N GLU A 125 -2.39 6.27 -19.11
CA GLU A 125 -2.71 6.61 -17.73
C GLU A 125 -2.04 5.62 -16.75
N THR A 126 -2.12 4.32 -17.01
CA THR A 126 -1.41 3.31 -16.23
C THR A 126 0.09 3.64 -16.23
N ARG A 127 0.66 4.05 -17.39
CA ARG A 127 2.07 4.38 -17.42
C ARG A 127 2.41 5.48 -16.41
N LYS A 128 1.62 6.54 -16.31
CA LYS A 128 1.89 7.68 -15.46
C LYS A 128 1.80 7.31 -13.97
N ILE A 129 0.79 6.51 -13.65
CA ILE A 129 0.59 6.07 -12.28
C ILE A 129 1.70 5.14 -11.79
N MET A 130 2.10 4.19 -12.61
CA MET A 130 3.09 3.19 -12.34
C MET A 130 4.48 3.79 -12.24
N ARG A 131 4.76 4.87 -12.95
CA ARG A 131 6.07 5.49 -12.89
C ARG A 131 6.16 6.22 -11.56
N ALA A 132 5.04 6.86 -11.20
CA ALA A 132 5.07 7.60 -9.96
C ALA A 132 5.22 6.57 -8.82
N LEU A 133 4.55 5.44 -8.81
CA LEU A 133 4.60 4.46 -7.75
C LEU A 133 5.96 3.77 -7.64
N LEU A 134 6.57 3.44 -8.75
CA LEU A 134 7.85 2.78 -8.83
C LEU A 134 8.93 3.70 -8.30
N GLU A 135 8.86 5.00 -8.58
CA GLU A 135 9.79 5.95 -8.01
C GLU A 135 9.63 6.00 -6.47
N VAL A 136 8.41 5.84 -5.98
CA VAL A 136 8.16 5.83 -4.54
C VAL A 136 8.81 4.61 -3.87
N ILE A 137 8.55 3.45 -4.45
CA ILE A 137 8.99 2.15 -4.07
C ILE A 137 10.51 2.07 -4.11
N CYS A 138 11.07 2.66 -5.14
CA CYS A 138 12.51 2.81 -5.27
C CYS A 138 13.08 3.58 -4.09
N ALA A 139 12.48 4.68 -3.67
CA ALA A 139 13.00 5.41 -2.55
C ALA A 139 12.77 4.65 -1.26
N LEU A 140 11.78 3.79 -1.11
CA LEU A 140 11.51 3.09 0.13
C LEU A 140 12.60 2.01 0.30
N HIS A 141 12.85 1.29 -0.78
CA HIS A 141 13.73 0.15 -0.85
C HIS A 141 15.18 0.58 -0.59
N LYS A 142 15.59 1.76 -1.00
CA LYS A 142 16.90 2.31 -0.66
C LYS A 142 16.92 2.50 0.85
N LEU A 143 15.87 2.97 1.50
CA LEU A 143 15.92 3.02 2.94
C LEU A 143 15.76 1.64 3.55
N ASN A 144 15.64 0.57 2.78
CA ASN A 144 15.38 -0.77 3.20
C ASN A 144 14.05 -0.87 3.93
N ILE A 145 13.11 -0.07 3.44
CA ILE A 145 11.75 -0.12 4.00
C ILE A 145 10.84 -0.99 3.14
N VAL A 146 10.11 -1.94 3.75
CA VAL A 146 9.17 -2.72 2.91
C VAL A 146 7.74 -2.31 3.25
N HIS A 147 6.91 -1.74 2.40
CA HIS A 147 5.56 -1.28 2.71
C HIS A 147 4.66 -2.39 3.20
N ARG A 148 4.62 -3.52 2.46
CA ARG A 148 3.87 -4.70 2.71
C ARG A 148 2.35 -4.58 2.60
N ASP A 149 1.78 -3.48 2.15
CA ASP A 149 0.36 -3.35 1.96
C ASP A 149 0.04 -2.57 0.69
N LEU A 150 0.91 -2.71 -0.32
CA LEU A 150 0.69 -1.99 -1.56
C LEU A 150 -0.62 -2.49 -2.18
N LYS A 151 -1.57 -1.58 -2.39
CA LYS A 151 -2.80 -1.91 -3.08
C LYS A 151 -3.54 -0.60 -3.39
N PRO A 152 -4.53 -0.62 -4.30
CA PRO A 152 -5.21 0.58 -4.76
C PRO A 152 -5.87 1.39 -3.66
N GLU A 153 -6.44 0.84 -2.63
CA GLU A 153 -6.99 1.53 -1.49
C GLU A 153 -6.01 2.36 -0.65
N ASN A 154 -4.70 2.10 -0.74
CA ASN A 154 -3.66 2.71 0.00
C ASN A 154 -2.83 3.65 -0.84
N ILE A 155 -3.28 4.00 -2.03
CA ILE A 155 -2.64 4.93 -2.94
C ILE A 155 -3.74 5.97 -3.12
N LEU A 156 -3.52 7.21 -2.76
CA LEU A 156 -4.55 8.23 -2.86
C LEU A 156 -4.28 9.24 -3.96
N LEU A 157 -5.31 10.11 -4.14
CA LEU A 157 -5.16 11.08 -5.25
C LEU A 157 -5.28 12.49 -4.73
N ASP A 158 -4.33 13.38 -5.05
CA ASP A 158 -4.49 14.76 -4.57
C ASP A 158 -5.35 15.52 -5.58
N ASP A 159 -5.46 16.84 -5.41
CA ASP A 159 -6.22 17.69 -6.32
C ASP A 159 -5.78 17.68 -7.77
N ASP A 160 -4.54 17.44 -8.14
CA ASP A 160 -4.17 17.36 -9.53
C ASP A 160 -4.13 15.91 -10.00
N MET A 161 -4.76 14.96 -9.31
CA MET A 161 -4.69 13.54 -9.65
C MET A 161 -3.29 12.92 -9.53
N ASN A 162 -2.27 13.50 -8.93
CA ASN A 162 -1.03 12.78 -8.63
C ASN A 162 -1.28 11.92 -7.37
N ILE A 163 -0.80 10.70 -7.46
CA ILE A 163 -0.92 9.72 -6.40
C ILE A 163 -0.05 10.08 -5.19
N LYS A 164 -0.48 9.59 -4.05
CA LYS A 164 0.22 9.78 -2.79
C LYS A 164 0.25 8.43 -2.05
N LEU A 165 1.36 7.72 -1.97
CA LEU A 165 1.39 6.48 -1.17
C LEU A 165 1.04 6.74 0.28
N THR A 166 0.14 5.90 0.80
CA THR A 166 -0.28 6.06 2.20
C THR A 166 -0.34 4.73 2.92
N ASP A 167 -0.88 4.67 4.13
CA ASP A 167 -1.01 3.45 4.92
C ASP A 167 0.24 2.60 5.15
N PHE A 168 1.12 3.04 6.02
CA PHE A 168 2.40 2.40 6.39
C PHE A 168 2.22 1.59 7.68
N GLY A 169 1.02 1.11 7.98
CA GLY A 169 0.65 0.38 9.15
C GLY A 169 1.24 -1.03 9.20
N PHE A 170 1.75 -1.56 8.08
CA PHE A 170 2.40 -2.87 8.10
C PHE A 170 3.86 -2.74 7.66
N SER A 171 4.38 -1.53 7.60
CA SER A 171 5.71 -1.30 7.07
C SER A 171 6.81 -1.57 8.06
N CYS A 172 8.03 -1.79 7.61
CA CYS A 172 9.16 -1.91 8.51
C CYS A 172 10.46 -1.55 7.81
N GLN A 173 11.49 -1.18 8.56
CA GLN A 173 12.80 -1.00 7.96
C GLN A 173 13.50 -2.39 8.20
N LEU A 174 14.36 -2.69 7.23
CA LEU A 174 15.05 -3.92 7.51
C LEU A 174 16.50 -3.58 7.85
N ASP A 175 17.05 -4.46 8.71
CA ASP A 175 18.52 -4.42 8.87
C ASP A 175 19.04 -5.23 7.65
N PRO A 176 20.33 -5.16 7.40
CA PRO A 176 20.98 -5.85 6.31
C PRO A 176 20.85 -7.36 6.46
N GLY A 177 20.30 -7.93 5.40
CA GLY A 177 19.91 -9.29 5.19
C GLY A 177 18.75 -9.89 5.96
N GLU A 178 18.05 -9.04 6.72
CA GLU A 178 16.97 -9.57 7.56
C GLU A 178 15.81 -9.89 6.62
N LYS A 179 14.94 -10.71 7.20
CA LYS A 179 13.83 -11.39 6.57
C LYS A 179 12.62 -11.39 7.48
N LEU A 180 11.47 -11.38 6.84
CA LEU A 180 10.24 -11.34 7.63
C LEU A 180 9.57 -12.69 7.49
N ARG A 181 8.67 -12.91 8.45
CA ARG A 181 7.92 -14.14 8.45
C ARG A 181 6.42 -13.96 8.66
N SER A 182 5.97 -12.99 9.42
CA SER A 182 4.54 -12.85 9.63
C SER A 182 3.84 -12.63 8.30
N VAL A 183 2.60 -13.12 8.29
CA VAL A 183 1.73 -12.89 7.16
C VAL A 183 0.80 -11.73 7.49
N CYS A 184 0.74 -10.74 6.63
CA CYS A 184 -0.18 -9.62 6.75
C CYS A 184 -0.39 -9.09 5.35
N GLY A 185 -1.51 -8.43 5.14
CA GLY A 185 -1.89 -7.89 3.85
C GLY A 185 -3.06 -8.70 3.28
N THR A 186 -3.62 -8.15 2.19
CA THR A 186 -4.73 -8.79 1.52
C THR A 186 -4.19 -9.96 0.70
N PRO A 187 -4.80 -11.12 0.91
CA PRO A 187 -4.43 -12.34 0.21
C PRO A 187 -4.38 -12.21 -1.29
N SER A 188 -5.17 -11.45 -2.03
CA SER A 188 -4.99 -11.28 -3.47
C SER A 188 -3.73 -10.52 -3.87
N TYR A 189 -3.17 -9.72 -3.01
CA TYR A 189 -1.92 -9.01 -3.23
C TYR A 189 -0.71 -9.69 -2.62
N LEU A 190 -0.83 -10.75 -1.84
CA LEU A 190 0.29 -11.41 -1.21
C LEU A 190 1.24 -12.16 -2.11
N ALA A 191 2.53 -11.84 -1.95
CA ALA A 191 3.56 -12.56 -2.72
C ALA A 191 3.57 -14.04 -2.34
N PRO A 192 4.03 -14.89 -3.25
CA PRO A 192 4.05 -16.32 -3.03
C PRO A 192 4.94 -16.70 -1.86
N GLU A 193 6.15 -16.15 -1.79
CA GLU A 193 7.08 -16.45 -0.71
C GLU A 193 6.46 -16.19 0.65
N ILE A 194 5.59 -15.20 0.80
CA ILE A 194 4.88 -15.02 2.05
C ILE A 194 3.99 -16.24 2.31
N ILE A 195 3.25 -16.70 1.30
CA ILE A 195 2.34 -17.83 1.57
C ILE A 195 3.16 -19.08 1.95
N GLU A 196 4.19 -19.34 1.16
CA GLU A 196 5.12 -20.42 1.37
C GLU A 196 5.63 -20.42 2.81
N CYS A 197 6.22 -19.27 3.16
CA CYS A 197 6.70 -19.00 4.49
C CYS A 197 5.64 -19.37 5.51
N SER A 198 4.38 -18.98 5.40
CA SER A 198 3.33 -19.38 6.32
C SER A 198 3.09 -20.89 6.39
N MET A 199 3.62 -21.69 5.46
CA MET A 199 3.41 -23.12 5.47
C MET A 199 4.70 -23.90 5.68
N ASN A 200 5.73 -23.22 6.18
CA ASN A 200 7.00 -23.90 6.42
C ASN A 200 7.85 -23.10 7.38
N ASP A 201 8.05 -23.63 8.57
CA ASP A 201 8.85 -23.03 9.64
C ASP A 201 10.31 -22.92 9.27
N ASN A 202 10.77 -23.77 8.36
CA ASN A 202 12.12 -23.83 7.87
C ASN A 202 12.43 -22.86 6.74
N HIS A 203 11.38 -22.35 6.08
CA HIS A 203 11.48 -21.36 5.02
C HIS A 203 12.29 -20.15 5.46
N PRO A 204 13.08 -19.57 4.56
CA PRO A 204 13.93 -18.44 4.87
C PRO A 204 13.25 -17.14 5.29
N GLY A 205 12.00 -16.90 4.94
CA GLY A 205 11.37 -15.61 5.25
C GLY A 205 11.34 -14.75 3.98
N TYR A 206 10.79 -13.54 4.03
CA TYR A 206 10.68 -12.82 2.70
C TYR A 206 11.34 -11.46 2.85
N GLY A 207 11.53 -10.66 1.83
CA GLY A 207 12.12 -9.35 1.91
C GLY A 207 11.34 -8.33 1.07
N LYS A 208 12.06 -7.30 0.63
CA LYS A 208 11.57 -6.17 -0.15
C LYS A 208 10.79 -6.58 -1.39
N GLU A 209 11.17 -7.70 -1.97
CA GLU A 209 10.56 -8.23 -3.17
C GLU A 209 9.07 -8.43 -3.00
N VAL A 210 8.48 -8.69 -1.87
CA VAL A 210 7.04 -8.82 -1.78
C VAL A 210 6.29 -7.62 -2.34
N ASP A 211 6.87 -6.43 -2.21
CA ASP A 211 6.36 -5.19 -2.69
C ASP A 211 6.36 -5.21 -4.21
N MET A 212 7.36 -5.78 -4.88
CA MET A 212 7.39 -5.89 -6.33
C MET A 212 6.35 -6.87 -6.87
N TRP A 213 5.87 -7.81 -6.07
CA TRP A 213 4.77 -8.69 -6.49
C TRP A 213 3.45 -7.93 -6.50
N SER A 214 3.23 -7.16 -5.44
CA SER A 214 2.04 -6.39 -5.21
C SER A 214 1.93 -5.31 -6.27
N THR A 215 3.08 -4.71 -6.58
CA THR A 215 3.16 -3.76 -7.66
C THR A 215 2.62 -4.43 -8.94
N GLY A 216 2.97 -5.68 -9.19
CA GLY A 216 2.53 -6.50 -10.29
C GLY A 216 1.01 -6.71 -10.31
N VAL A 217 0.45 -7.12 -9.17
CA VAL A 217 -0.98 -7.23 -9.05
C VAL A 217 -1.73 -5.91 -9.24
N ILE A 218 -1.16 -4.74 -8.92
CA ILE A 218 -1.79 -3.45 -9.05
C ILE A 218 -1.75 -2.99 -10.52
N MET A 219 -0.70 -3.29 -11.20
CA MET A 219 -0.42 -2.86 -12.61
C MET A 219 -1.38 -3.60 -13.53
N TYR A 220 -1.43 -4.93 -13.34
CA TYR A 220 -2.36 -5.87 -13.90
C TYR A 220 -3.81 -5.41 -13.74
N THR A 221 -4.31 -5.22 -12.54
CA THR A 221 -5.63 -4.84 -12.12
C THR A 221 -6.08 -3.50 -12.67
N LEU A 222 -5.20 -2.50 -12.79
CA LEU A 222 -5.59 -1.23 -13.39
C LEU A 222 -5.86 -1.44 -14.90
N LEU A 223 -5.20 -2.36 -15.58
CA LEU A 223 -5.34 -2.56 -17.01
C LEU A 223 -6.46 -3.56 -17.34
N ALA A 224 -6.75 -4.46 -16.40
CA ALA A 224 -7.76 -5.46 -16.69
C ALA A 224 -9.11 -5.16 -16.09
N GLY A 225 -9.07 -4.37 -15.02
CA GLY A 225 -10.29 -4.14 -14.26
C GLY A 225 -10.50 -5.28 -13.30
N SER A 226 -9.65 -6.26 -13.18
CA SER A 226 -9.88 -7.35 -12.20
C SER A 226 -8.49 -7.90 -11.91
N PRO A 227 -8.30 -8.56 -10.80
CA PRO A 227 -7.02 -9.10 -10.43
C PRO A 227 -6.59 -10.35 -11.18
N PRO A 228 -5.28 -10.53 -11.31
CA PRO A 228 -4.75 -11.73 -11.89
C PRO A 228 -5.00 -12.98 -11.07
N PHE A 229 -5.23 -13.03 -9.78
CA PHE A 229 -5.36 -14.28 -9.05
C PHE A 229 -6.57 -14.25 -8.11
N TRP A 230 -7.63 -14.94 -8.54
CA TRP A 230 -8.85 -14.97 -7.73
C TRP A 230 -9.52 -16.33 -7.78
N HIS A 231 -10.20 -16.65 -6.70
CA HIS A 231 -11.03 -17.78 -6.47
C HIS A 231 -11.88 -17.52 -5.22
N ARG A 232 -13.17 -17.84 -5.32
CA ARG A 232 -14.07 -17.66 -4.17
C ARG A 232 -13.54 -18.45 -2.97
N LYS A 233 -13.00 -19.64 -3.17
CA LYS A 233 -12.35 -20.45 -2.16
C LYS A 233 -10.89 -19.99 -2.02
N GLN A 234 -10.56 -19.37 -0.90
CA GLN A 234 -9.23 -18.84 -0.63
C GLN A 234 -8.08 -19.76 -0.93
N MET A 235 -8.07 -20.96 -0.37
CA MET A 235 -6.97 -21.90 -0.52
C MET A 235 -6.65 -22.26 -1.96
N LEU A 236 -7.65 -22.29 -2.83
CA LEU A 236 -7.42 -22.54 -4.26
C LEU A 236 -6.88 -21.29 -4.94
N MET A 237 -7.18 -20.11 -4.38
CA MET A 237 -6.63 -18.86 -4.92
C MET A 237 -5.13 -18.79 -4.60
N LEU A 238 -4.78 -19.19 -3.40
CA LEU A 238 -3.43 -19.24 -2.89
C LEU A 238 -2.50 -20.21 -3.59
N ARG A 239 -3.06 -21.26 -4.18
CA ARG A 239 -2.34 -22.25 -4.97
C ARG A 239 -2.05 -21.66 -6.36
N MET A 240 -3.00 -20.82 -6.80
CA MET A 240 -2.87 -20.12 -8.07
C MET A 240 -1.68 -19.15 -7.96
N ILE A 241 -1.66 -18.40 -6.86
CA ILE A 241 -0.57 -17.47 -6.52
C ILE A 241 0.77 -18.18 -6.34
N MET A 242 0.81 -19.22 -5.50
CA MET A 242 2.01 -20.03 -5.33
C MET A 242 2.47 -20.67 -6.64
N SER A 243 1.62 -20.98 -7.61
CA SER A 243 2.07 -21.58 -8.86
C SER A 243 2.32 -20.48 -9.91
N GLY A 244 1.80 -19.29 -9.63
CA GLY A 244 1.98 -18.20 -10.62
C GLY A 244 1.31 -18.74 -11.88
N ASN A 245 -0.01 -18.76 -11.83
CA ASN A 245 -0.97 -19.27 -12.78
C ASN A 245 -1.99 -18.16 -13.05
N TYR A 246 -1.72 -17.41 -14.10
CA TYR A 246 -2.56 -16.31 -14.51
C TYR A 246 -2.32 -16.11 -16.00
N GLN A 247 -3.21 -15.39 -16.65
CA GLN A 247 -2.96 -15.13 -18.08
C GLN A 247 -3.41 -13.74 -18.51
N PHE A 248 -2.93 -13.40 -19.70
CA PHE A 248 -3.38 -12.15 -20.33
C PHE A 248 -4.52 -12.58 -21.25
N GLY A 249 -5.76 -12.65 -20.76
CA GLY A 249 -6.85 -13.19 -21.52
C GLY A 249 -8.06 -12.49 -22.07
N SER A 250 -8.94 -13.31 -22.63
CA SER A 250 -10.22 -13.06 -23.29
C SER A 250 -10.32 -11.72 -23.97
N PRO A 251 -11.36 -10.92 -23.77
CA PRO A 251 -11.42 -9.61 -24.41
C PRO A 251 -10.46 -8.67 -23.66
N GLU A 252 -10.39 -8.86 -22.36
CA GLU A 252 -9.61 -8.13 -21.40
C GLU A 252 -8.28 -7.55 -21.84
N TRP A 253 -7.34 -8.27 -22.43
CA TRP A 253 -6.02 -7.79 -22.76
C TRP A 253 -5.73 -7.43 -24.19
N ASP A 254 -6.74 -7.56 -25.04
CA ASP A 254 -6.71 -7.41 -26.49
C ASP A 254 -6.16 -6.10 -27.01
N ASP A 255 -6.58 -5.02 -26.35
CA ASP A 255 -6.12 -3.70 -26.70
C ASP A 255 -4.76 -3.27 -26.21
N TYR A 256 -3.89 -4.07 -25.58
CA TYR A 256 -2.69 -3.46 -25.02
C TYR A 256 -1.39 -3.85 -25.68
N SER A 257 -0.30 -3.10 -25.54
CA SER A 257 0.94 -3.54 -26.17
C SER A 257 1.51 -4.80 -25.54
N ASP A 258 2.47 -5.38 -26.26
CA ASP A 258 3.24 -6.53 -25.87
C ASP A 258 4.26 -6.03 -24.83
N THR A 259 4.70 -4.79 -25.01
CA THR A 259 5.57 -4.13 -24.07
C THR A 259 4.94 -4.02 -22.69
N VAL A 260 3.68 -3.64 -22.52
CA VAL A 260 3.13 -3.61 -21.20
C VAL A 260 3.04 -5.02 -20.58
N LYS A 261 2.66 -5.98 -21.42
CA LYS A 261 2.39 -7.31 -20.88
C LYS A 261 3.71 -7.93 -20.43
N ASP A 262 4.77 -7.69 -21.20
CA ASP A 262 6.09 -8.14 -20.81
C ASP A 262 6.39 -7.48 -19.44
N LEU A 263 6.25 -6.16 -19.23
CA LEU A 263 6.53 -5.60 -17.92
C LEU A 263 5.77 -6.33 -16.80
N VAL A 264 4.45 -6.43 -16.95
CA VAL A 264 3.67 -7.10 -15.98
C VAL A 264 4.22 -8.47 -15.64
N SER A 265 4.40 -9.40 -16.56
CA SER A 265 4.94 -10.73 -16.36
C SER A 265 6.29 -10.71 -15.64
N ARG A 266 7.03 -9.60 -15.61
CA ARG A 266 8.26 -9.51 -14.87
C ARG A 266 8.09 -9.11 -13.40
N PHE A 267 6.87 -8.83 -12.97
CA PHE A 267 6.65 -8.51 -11.55
C PHE A 267 6.04 -9.82 -11.02
N LEU A 268 5.29 -10.42 -11.97
CA LEU A 268 4.56 -11.63 -11.67
C LEU A 268 5.29 -12.94 -11.80
N VAL A 269 6.51 -13.04 -11.28
CA VAL A 269 7.46 -14.10 -11.14
C VAL A 269 7.53 -14.59 -9.68
N VAL A 270 7.31 -15.86 -9.48
CA VAL A 270 7.25 -16.57 -8.22
C VAL A 270 8.51 -16.52 -7.40
N GLN A 271 9.65 -16.88 -7.95
CA GLN A 271 10.95 -16.81 -7.31
C GLN A 271 11.33 -15.33 -7.17
N PRO A 272 11.48 -14.84 -5.94
CA PRO A 272 11.76 -13.46 -5.66
C PRO A 272 13.08 -12.96 -6.26
N GLN A 273 14.06 -13.86 -6.24
CA GLN A 273 15.37 -13.62 -6.77
C GLN A 273 15.28 -13.22 -8.23
N LYS A 274 14.37 -13.84 -8.98
CA LYS A 274 14.19 -13.56 -10.39
C LYS A 274 13.19 -12.47 -10.75
N ARG A 275 12.52 -11.93 -9.75
CA ARG A 275 11.53 -10.89 -9.94
C ARG A 275 12.18 -9.55 -10.23
N TYR A 276 11.45 -8.74 -11.00
CA TYR A 276 11.93 -7.37 -11.22
C TYR A 276 11.96 -6.56 -9.93
N THR A 277 12.96 -5.70 -9.75
CA THR A 277 13.08 -4.76 -8.68
C THR A 277 12.46 -3.44 -9.23
N ALA A 278 12.26 -2.49 -8.31
CA ALA A 278 11.73 -1.19 -8.73
C ALA A 278 12.61 -0.52 -9.77
N GLU A 279 13.93 -0.58 -9.63
CA GLU A 279 14.88 -0.06 -10.59
C GLU A 279 14.85 -0.78 -11.94
N GLU A 280 14.80 -2.13 -11.91
CA GLU A 280 14.69 -2.82 -13.18
C GLU A 280 13.40 -2.38 -13.86
N ALA A 281 12.31 -2.29 -13.10
CA ALA A 281 11.02 -1.94 -13.73
C ALA A 281 11.12 -0.56 -14.38
N LEU A 282 11.78 0.46 -13.80
CA LEU A 282 11.92 1.74 -14.41
C LEU A 282 12.85 1.79 -15.63
N ALA A 283 13.74 0.80 -15.76
CA ALA A 283 14.57 0.77 -16.96
C ALA A 283 13.84 -0.01 -18.05
N HIS A 284 12.77 -0.71 -17.81
CA HIS A 284 12.13 -1.45 -18.91
C HIS A 284 11.87 -0.48 -20.07
N PRO A 285 11.76 -0.99 -21.29
CA PRO A 285 11.44 -0.17 -22.45
C PRO A 285 10.11 0.56 -22.31
N PHE A 286 9.09 -0.01 -21.68
CA PHE A 286 7.82 0.62 -21.42
C PHE A 286 8.00 2.03 -20.86
N PHE A 287 9.03 2.44 -20.13
CA PHE A 287 9.17 3.79 -19.62
C PHE A 287 10.25 4.59 -20.34
N GLN A 288 10.78 4.04 -21.43
CA GLN A 288 11.83 4.72 -22.16
C GLN A 288 11.46 5.53 -23.40
N GLN A 289 10.21 5.88 -23.62
CA GLN A 289 9.85 6.62 -24.83
C GLN A 289 10.66 7.87 -25.11
N TYR A 290 10.98 8.67 -24.11
CA TYR A 290 11.65 9.93 -24.21
C TYR A 290 13.05 9.99 -23.63
N VAL A 291 13.82 8.93 -23.70
CA VAL A 291 15.20 8.96 -23.19
C VAL A 291 15.96 10.22 -23.60
PG ATP B . -6.46 -0.76 6.27
O1G ATP B . -7.64 -1.60 6.59
O2G ATP B . -6.13 -0.87 4.82
O3G ATP B . -5.32 -1.26 7.11
PB ATP B . -6.10 1.59 7.86
O1B ATP B . -6.98 1.26 8.94
O2B ATP B . -4.66 1.40 8.06
O3B ATP B . -6.69 0.76 6.59
PA ATP B . -5.69 3.81 6.07
O1A ATP B . -4.59 4.78 6.26
O2A ATP B . -5.35 2.93 4.93
O3A ATP B . -6.37 3.05 7.26
O5' ATP B . -6.94 4.79 5.71
C5' ATP B . -8.26 4.24 5.53
C4' ATP B . -8.93 4.95 4.37
O4' ATP B . -9.20 6.31 4.78
C3' ATP B . -8.09 5.07 3.10
O3' ATP B . -8.06 3.87 2.32
C2' ATP B . -8.69 6.37 2.47
O2' ATP B . -10.02 6.11 1.96
C1' ATP B . -8.93 7.22 3.77
N9 ATP B . -7.96 8.23 4.02
C8 ATP B . -6.78 8.00 4.68
N7 ATP B . -5.87 8.90 4.67
C5 ATP B . -6.41 9.85 3.95
C6 ATP B . -5.90 11.06 3.59
N6 ATP B . -4.68 11.50 3.92
N1 ATP B . -6.66 11.88 2.78
C2 ATP B . -7.92 11.44 2.41
N3 ATP B . -8.44 10.30 2.73
C4 ATP B . -7.67 9.49 3.47
MN MN C . -3.36 -0.29 7.25
MN MN D . -5.51 0.93 4.23
S SO4 E . 7.19 -7.52 12.07
O1 SO4 E . 7.61 -8.25 10.83
O2 SO4 E . 6.39 -8.49 12.89
O3 SO4 E . 8.42 -7.14 12.84
O4 SO4 E . 6.39 -6.29 11.77
#